data_5V3X
#
_entry.id   5V3X
#
_cell.length_a   89.207
_cell.length_b   109.546
_cell.length_c   57.019
_cell.angle_alpha   90.000
_cell.angle_beta   90.000
_cell.angle_gamma   90.000
#
_symmetry.space_group_name_H-M   'P 21 21 2'
#
loop_
_entity.id
_entity.type
_entity.pdbx_description
1 polymer 'Polyketide synthase Pks13 (Termination polyketide synthase)'
2 non-polymer 'ethyl 5-hydroxy-4-[(4-methylpiperidin-1-yl)methyl]-2-phenyl-1-benzofuran-3-carboxylate'
3 water water
#
_entity_poly.entity_id   1
_entity_poly.type   'polypeptide(L)'
_entity_poly.pdbx_seq_one_letter_code
;SNAQIDGFVRTLRARPEAGGKVPVFVFHPAGGSTVVYEPLLGRLPADTPMYGFERVEGSIEERAQQYVPKLIEMQGDGPY
VLVGWSLGGVLAYACAIGLRRLGKDVRFVGLIDAVRAGEEIPQTKEEIRKRWDRYAAFAEKTFNVTIPAIPYEQLEELDD
EGQVRFVLDAVSQSGVQIPAGIIEHQRTSYLDNRAIDTAQIQPYDGHVTLYMADRYHDDAIMFEPRYAVRQPDGGWGEYV
SDLEVVPIGGEHIQAIDEPIIAKVGEHMSRALGQIEADRTSEVGKQ
;
_entity_poly.pdbx_strand_id   A,B
#
# COMPACT_ATOMS: atom_id res chain seq x y z
N ASP A 6 -26.99 15.26 19.76
CA ASP A 6 -26.80 16.45 20.59
C ASP A 6 -25.63 17.30 20.08
N GLY A 7 -25.95 18.47 19.51
CA GLY A 7 -24.95 19.36 18.94
C GLY A 7 -24.32 18.79 17.68
N PHE A 8 -23.01 18.54 17.71
CA PHE A 8 -22.38 17.86 16.57
C PHE A 8 -22.03 16.40 16.86
N VAL A 9 -22.56 15.86 17.95
CA VAL A 9 -22.31 14.45 18.28
C VAL A 9 -23.56 13.63 18.07
N ARG A 10 -23.46 12.67 17.17
CA ARG A 10 -24.55 11.74 16.91
C ARG A 10 -24.28 10.45 17.66
N THR A 11 -25.25 9.93 18.39
CA THR A 11 -25.04 8.66 19.06
C THR A 11 -25.50 7.53 18.14
N LEU A 12 -24.57 6.71 17.66
CA LEU A 12 -24.97 5.58 16.81
C LEU A 12 -25.27 4.33 17.63
N ARG A 13 -24.42 4.07 18.63
CA ARG A 13 -24.75 3.10 19.67
C ARG A 13 -24.18 3.63 20.97
N ALA A 14 -25.06 3.85 21.92
CA ALA A 14 -24.66 4.43 23.19
C ALA A 14 -23.89 3.41 24.01
N ARG A 15 -22.93 3.90 24.78
CA ARG A 15 -22.19 3.08 25.73
C ARG A 15 -23.08 2.81 26.95
N PRO A 16 -22.83 1.69 27.64
CA PRO A 16 -23.62 1.40 28.84
C PRO A 16 -23.40 2.47 29.92
N GLU A 17 -24.14 2.36 31.02
CA GLU A 17 -24.04 3.31 32.12
C GLU A 17 -22.62 3.41 32.67
N ALA A 18 -21.96 2.26 32.79
CA ALA A 18 -20.55 2.20 33.15
C ALA A 18 -19.87 0.95 32.61
N GLY A 19 -18.56 0.99 32.49
CA GLY A 19 -17.84 -0.12 31.90
C GLY A 19 -18.12 -0.23 30.41
N GLY A 20 -18.10 -1.45 29.90
CA GLY A 20 -18.36 -1.70 28.49
C GLY A 20 -17.10 -1.57 27.68
N LYS A 21 -17.25 -1.71 26.37
CA LYS A 21 -16.11 -1.68 25.47
C LYS A 21 -15.72 -0.26 25.15
N VAL A 22 -14.53 -0.11 24.59
CA VAL A 22 -14.05 1.18 24.13
C VAL A 22 -14.91 1.66 22.96
N PRO A 23 -15.37 2.90 23.02
CA PRO A 23 -16.14 3.52 21.94
C PRO A 23 -15.32 3.73 20.70
N VAL A 24 -15.98 3.62 19.55
CA VAL A 24 -15.40 4.04 18.31
C VAL A 24 -15.95 5.41 17.97
N PHE A 25 -15.05 6.38 17.80
CA PHE A 25 -15.44 7.71 17.37
C PHE A 25 -15.27 7.81 15.87
N VAL A 26 -16.34 8.09 15.14
CA VAL A 26 -16.27 8.25 13.67
C VAL A 26 -16.55 9.73 13.28
N PHE A 27 -15.97 10.17 12.17
CA PHE A 27 -16.05 11.58 11.78
C PHE A 27 -16.65 11.68 10.40
N HIS A 28 -17.50 12.68 10.20
CA HIS A 28 -18.32 12.78 8.99
C HIS A 28 -17.46 12.84 7.73
N PRO A 29 -18.01 12.38 6.60
CA PRO A 29 -17.33 12.44 5.30
C PRO A 29 -17.63 13.76 4.58
N ALA A 30 -16.94 14.03 3.48
CA ALA A 30 -17.23 15.25 2.75
C ALA A 30 -18.64 15.22 2.18
N GLY A 31 -19.46 16.17 2.60
CA GLY A 31 -20.80 16.36 2.08
C GLY A 31 -21.87 15.49 2.71
N GLY A 32 -21.52 14.75 3.75
CA GLY A 32 -22.44 13.79 4.34
C GLY A 32 -22.35 13.76 5.86
N SER A 33 -23.15 12.88 6.48
CA SER A 33 -23.18 12.77 7.93
C SER A 33 -22.66 11.43 8.38
N THR A 34 -22.58 11.22 9.69
CA THR A 34 -22.04 9.99 10.21
C THR A 34 -23.01 8.80 10.13
N VAL A 35 -24.21 9.00 9.58
CA VAL A 35 -25.10 7.85 9.35
C VAL A 35 -24.46 6.86 8.36
N VAL A 36 -23.51 7.34 7.55
CA VAL A 36 -22.83 6.44 6.62
C VAL A 36 -22.04 5.35 7.32
N TYR A 37 -21.80 5.51 8.62
CA TYR A 37 -21.01 4.48 9.32
C TYR A 37 -21.88 3.35 9.88
N GLU A 38 -23.19 3.36 9.61
CA GLU A 38 -24.02 2.24 10.09
C GLU A 38 -23.61 0.84 9.57
N PRO A 39 -23.25 0.71 8.27
CA PRO A 39 -22.76 -0.62 7.85
C PRO A 39 -21.49 -1.08 8.57
N LEU A 40 -20.53 -0.19 8.73
CA LEU A 40 -19.34 -0.50 9.51
C LEU A 40 -19.74 -0.96 10.91
N LEU A 41 -20.68 -0.25 11.53
CA LEU A 41 -21.09 -0.60 12.90
C LEU A 41 -21.63 -2.02 13.00
N GLY A 42 -22.39 -2.44 11.99
CA GLY A 42 -22.88 -3.81 11.96
C GLY A 42 -21.82 -4.89 11.79
N ARG A 43 -20.62 -4.48 11.41
CA ARG A 43 -19.51 -5.40 11.20
C ARG A 43 -18.48 -5.30 12.35
N LEU A 44 -18.81 -4.56 13.40
CA LEU A 44 -17.93 -4.44 14.57
C LEU A 44 -18.47 -5.33 15.69
N PRO A 45 -17.67 -5.63 16.72
CA PRO A 45 -18.14 -6.52 17.81
C PRO A 45 -19.44 -6.04 18.45
N ALA A 46 -20.28 -6.97 18.86
CA ALA A 46 -21.53 -6.65 19.55
C ALA A 46 -21.25 -5.74 20.75
N ASP A 47 -22.14 -4.77 20.97
CA ASP A 47 -22.06 -3.84 22.08
C ASP A 47 -20.89 -2.86 22.01
N THR A 48 -20.27 -2.73 20.84
CA THR A 48 -19.27 -1.67 20.64
C THR A 48 -19.98 -0.33 20.56
N PRO A 49 -19.66 0.61 21.48
CA PRO A 49 -20.29 1.92 21.35
C PRO A 49 -19.75 2.68 20.15
N MET A 50 -20.56 3.58 19.59
CA MET A 50 -20.10 4.39 18.48
C MET A 50 -20.74 5.77 18.52
N TYR A 51 -19.89 6.79 18.41
CA TYR A 51 -20.33 8.17 18.41
C TYR A 51 -19.78 8.85 17.20
N GLY A 52 -20.61 9.66 16.54
CA GLY A 52 -20.21 10.29 15.28
C GLY A 52 -20.08 11.78 15.46
N PHE A 53 -19.00 12.36 14.95
CA PHE A 53 -18.80 13.79 15.02
C PHE A 53 -19.17 14.44 13.71
N GLU A 54 -20.17 15.32 13.74
CA GLU A 54 -20.70 15.97 12.56
C GLU A 54 -19.95 17.28 12.23
N ARG A 55 -20.38 17.96 11.18
CA ARG A 55 -19.66 19.10 10.61
C ARG A 55 -19.53 20.31 11.55
N VAL A 56 -18.34 20.90 11.57
CA VAL A 56 -18.14 22.19 12.22
C VAL A 56 -17.33 23.06 11.27
N GLU A 57 -17.27 24.35 11.54
CA GLU A 57 -16.63 25.29 10.63
C GLU A 57 -15.14 25.49 10.93
N GLY A 58 -14.36 25.84 9.91
CA GLY A 58 -12.98 26.26 10.09
C GLY A 58 -11.98 25.38 9.38
N SER A 59 -10.68 25.70 9.49
CA SER A 59 -9.61 24.81 9.00
C SER A 59 -9.61 23.49 9.77
N ILE A 60 -8.85 22.50 9.30
CA ILE A 60 -8.78 21.18 9.95
C ILE A 60 -8.37 21.35 11.42
N GLU A 61 -7.33 22.14 11.69
CA GLU A 61 -6.90 22.36 13.08
C GLU A 61 -7.97 23.07 13.91
N GLU A 62 -8.64 24.06 13.33
CA GLU A 62 -9.71 24.78 14.01
C GLU A 62 -10.91 23.85 14.31
N ARG A 63 -11.17 22.88 13.44
CA ARG A 63 -12.23 21.90 13.70
C ARG A 63 -11.85 20.93 14.81
N ALA A 64 -10.60 20.48 14.77
CA ALA A 64 -10.06 19.61 15.81
C ALA A 64 -10.07 20.29 17.16
N GLN A 65 -9.84 21.60 17.19
CA GLN A 65 -9.90 22.35 18.44
C GLN A 65 -11.31 22.32 19.04
N GLN A 66 -12.31 22.09 18.19
CA GLN A 66 -13.68 21.98 18.69
C GLN A 66 -13.98 20.55 19.11
N TYR A 67 -13.49 19.59 18.34
CA TYR A 67 -13.78 18.18 18.63
C TYR A 67 -13.06 17.65 19.87
N VAL A 68 -11.78 17.99 19.99
CA VAL A 68 -10.94 17.40 21.03
C VAL A 68 -11.46 17.63 22.48
N PRO A 69 -11.93 18.85 22.83
CA PRO A 69 -12.51 18.97 24.18
C PRO A 69 -13.73 18.08 24.39
N LYS A 70 -14.51 17.86 23.34
CA LYS A 70 -15.67 16.99 23.44
C LYS A 70 -15.24 15.53 23.57
N LEU A 71 -14.21 15.14 22.84
CA LEU A 71 -13.66 13.80 22.95
C LEU A 71 -13.23 13.51 24.38
N ILE A 72 -12.51 14.47 24.98
CA ILE A 72 -12.03 14.30 26.34
C ILE A 72 -13.18 14.32 27.36
N GLU A 73 -14.20 15.14 27.11
CA GLU A 73 -15.36 15.13 28.01
C GLU A 73 -16.03 13.76 27.99
N MET A 74 -16.06 13.11 26.85
CA MET A 74 -16.73 11.82 26.71
C MET A 74 -15.87 10.62 27.14
N GLN A 75 -14.55 10.67 26.92
CA GLN A 75 -13.74 9.47 27.10
C GLN A 75 -12.55 9.69 28.06
N GLY A 76 -12.31 10.93 28.49
CA GLY A 76 -11.26 11.25 29.44
C GLY A 76 -9.84 10.90 28.99
N ASP A 77 -9.14 10.08 29.76
CA ASP A 77 -7.74 9.78 29.45
C ASP A 77 -7.58 8.91 28.20
N GLY A 78 -8.60 8.11 27.90
CA GLY A 78 -8.48 7.12 26.86
C GLY A 78 -9.02 5.80 27.35
N PRO A 79 -8.87 4.75 26.54
CA PRO A 79 -8.26 4.77 25.20
C PRO A 79 -9.16 5.34 24.12
N TYR A 80 -8.54 5.98 23.13
CA TYR A 80 -9.27 6.55 22.02
C TYR A 80 -9.12 5.71 20.77
N VAL A 81 -10.25 5.49 20.10
CA VAL A 81 -10.29 4.83 18.80
C VAL A 81 -10.97 5.79 17.86
N LEU A 82 -10.23 6.24 16.85
CA LEU A 82 -10.71 7.30 15.94
C LEU A 82 -10.73 6.83 14.50
N VAL A 83 -11.85 7.02 13.81
CA VAL A 83 -12.05 6.42 12.49
C VAL A 83 -12.76 7.38 11.55
N GLY A 84 -12.36 7.42 10.29
CA GLY A 84 -13.14 8.21 9.35
C GLY A 84 -12.86 7.85 7.91
N TRP A 85 -13.90 7.92 7.12
CA TRP A 85 -13.85 7.80 5.66
C TRP A 85 -13.78 9.20 5.07
N SER A 86 -13.06 9.35 3.95
CA SER A 86 -13.03 10.62 3.23
C SER A 86 -12.44 11.72 4.13
N LEU A 87 -13.10 12.88 4.18
CA LEU A 87 -12.63 13.99 5.05
C LEU A 87 -12.54 13.55 6.50
N GLY A 88 -13.48 12.69 6.89
CA GLY A 88 -13.50 12.13 8.22
C GLY A 88 -12.19 11.50 8.65
N GLY A 89 -11.46 10.87 7.73
CA GLY A 89 -10.17 10.29 8.09
C GLY A 89 -9.17 11.37 8.48
N VAL A 90 -9.16 12.44 7.70
CA VAL A 90 -8.28 13.57 8.03
C VAL A 90 -8.64 14.21 9.37
N LEU A 91 -9.94 14.34 9.65
CA LEU A 91 -10.43 14.86 10.93
C LEU A 91 -10.03 13.97 12.10
N ALA A 92 -10.19 12.66 11.93
CA ALA A 92 -9.77 11.69 12.95
C ALA A 92 -8.27 11.81 13.24
N TYR A 93 -7.47 11.88 12.19
CA TYR A 93 -6.03 12.03 12.30
C TYR A 93 -5.67 13.31 13.05
N ALA A 94 -6.33 14.40 12.67
CA ALA A 94 -6.10 15.68 13.35
C ALA A 94 -6.44 15.60 14.84
N CYS A 95 -7.50 14.88 15.16
CA CYS A 95 -7.88 14.73 16.57
C CYS A 95 -6.89 13.86 17.32
N ALA A 96 -6.33 12.85 16.65
CA ALA A 96 -5.29 12.02 17.26
C ALA A 96 -4.06 12.84 17.63
N ILE A 97 -3.64 13.73 16.73
CA ILE A 97 -2.52 14.59 17.06
C ILE A 97 -2.83 15.51 18.26
N GLY A 98 -4.03 16.06 18.32
CA GLY A 98 -4.35 16.93 19.45
C GLY A 98 -4.43 16.20 20.78
N LEU A 99 -5.07 15.03 20.76
CA LEU A 99 -5.19 14.19 21.95
C LEU A 99 -3.82 13.73 22.44
N ARG A 100 -2.97 13.31 21.55
CA ARG A 100 -1.65 12.89 21.91
C ARG A 100 -0.86 14.05 22.52
N ARG A 101 -1.06 15.23 21.98
CA ARG A 101 -0.37 16.41 22.50
C ARG A 101 -0.73 16.63 23.97
N LEU A 102 -2.00 16.38 24.31
CA LEU A 102 -2.47 16.58 25.67
C LEU A 102 -2.19 15.36 26.55
N GLY A 103 -1.41 14.40 26.06
CA GLY A 103 -1.03 13.26 26.87
C GLY A 103 -2.10 12.17 26.96
N LYS A 104 -3.05 12.17 26.03
CA LYS A 104 -4.11 11.17 26.10
C LYS A 104 -3.65 9.91 25.36
N ASP A 105 -4.27 8.78 25.68
CA ASP A 105 -3.87 7.48 25.11
C ASP A 105 -4.66 7.10 23.85
N VAL A 106 -4.05 7.29 22.69
CA VAL A 106 -4.72 6.97 21.43
C VAL A 106 -4.23 5.63 20.89
N ARG A 107 -5.13 4.68 20.78
CA ARG A 107 -4.75 3.33 20.43
C ARG A 107 -5.06 2.87 19.03
N PHE A 108 -5.85 3.62 18.31
CA PHE A 108 -6.24 3.26 16.94
C PHE A 108 -6.74 4.46 16.17
N VAL A 109 -6.16 4.67 15.00
CA VAL A 109 -6.59 5.67 14.02
C VAL A 109 -6.85 4.96 12.71
N GLY A 110 -8.10 4.93 12.29
CA GLY A 110 -8.44 4.17 11.10
C GLY A 110 -8.87 5.08 9.99
N LEU A 111 -8.07 5.14 8.91
CA LEU A 111 -8.40 5.96 7.76
C LEU A 111 -9.05 5.09 6.70
N ILE A 112 -10.31 5.38 6.38
CA ILE A 112 -10.96 4.57 5.37
C ILE A 112 -10.87 5.30 4.05
N ASP A 113 -9.90 4.87 3.28
CA ASP A 113 -9.55 5.42 1.97
C ASP A 113 -9.44 6.92 1.98
N ALA A 114 -8.71 7.43 2.97
CA ALA A 114 -8.50 8.86 3.09
C ALA A 114 -7.19 9.19 2.42
N VAL A 115 -7.19 9.10 1.10
CA VAL A 115 -5.96 9.07 0.34
C VAL A 115 -5.63 10.45 -0.21
N ARG A 116 -4.39 10.90 0.04
CA ARG A 116 -3.95 12.19 -0.49
C ARG A 116 -3.78 12.16 -1.99
N ALA A 117 -3.84 13.33 -2.62
CA ALA A 117 -3.55 13.42 -4.04
C ALA A 117 -2.14 12.92 -4.34
N GLY A 118 -1.95 12.31 -5.50
CA GLY A 118 -0.68 11.67 -5.83
C GLY A 118 0.47 12.67 -5.96
N GLU A 119 0.14 13.92 -6.19
CA GLU A 119 1.11 15.01 -6.22
C GLU A 119 0.52 16.09 -5.33
N GLU A 120 1.35 16.80 -4.57
CA GLU A 120 0.87 17.87 -3.68
C GLU A 120 0.06 18.90 -4.47
N ILE A 121 -1.04 19.36 -3.88
CA ILE A 121 -1.84 20.36 -4.55
C ILE A 121 -1.39 21.73 -4.07
N PRO A 122 -0.79 22.51 -4.97
CA PRO A 122 -0.25 23.81 -4.59
C PRO A 122 -1.35 24.79 -4.20
N GLN A 123 -1.08 25.64 -3.22
CA GLN A 123 -2.05 26.64 -2.82
C GLN A 123 -1.53 27.97 -3.28
N THR A 124 -1.67 28.22 -4.58
CA THR A 124 -1.07 29.40 -5.17
C THR A 124 -2.09 30.13 -6.03
N LYS A 125 -1.76 31.35 -6.43
CA LYS A 125 -2.66 32.12 -7.28
C LYS A 125 -2.76 31.48 -8.64
N GLU A 126 -1.66 30.93 -9.12
CA GLU A 126 -1.70 30.25 -10.42
C GLU A 126 -2.68 29.07 -10.36
N GLU A 127 -2.63 28.29 -9.29
CA GLU A 127 -3.55 27.17 -9.17
C GLU A 127 -5.01 27.61 -8.98
N ILE A 128 -5.22 28.72 -8.28
CA ILE A 128 -6.56 29.28 -8.16
C ILE A 128 -7.11 29.66 -9.53
N ARG A 129 -6.29 30.25 -10.36
CA ARG A 129 -6.75 30.58 -11.67
C ARG A 129 -7.06 29.38 -12.49
N LYS A 130 -6.20 28.36 -12.46
CA LYS A 130 -6.43 27.14 -13.23
C LYS A 130 -7.65 26.36 -12.76
N ARG A 131 -7.86 26.34 -11.45
CA ARG A 131 -9.02 25.68 -10.88
C ARG A 131 -10.31 26.31 -11.40
N TRP A 132 -10.39 27.63 -11.31
CA TRP A 132 -11.63 28.29 -11.72
C TRP A 132 -11.83 28.29 -13.23
N ASP A 133 -10.74 28.27 -13.99
CA ASP A 133 -10.87 28.08 -15.44
C ASP A 133 -11.46 26.73 -15.77
N ARG A 134 -11.08 25.72 -14.98
CA ARG A 134 -11.64 24.38 -15.16
C ARG A 134 -13.14 24.39 -14.82
N TYR A 135 -13.50 24.99 -13.69
CA TYR A 135 -14.89 24.99 -13.27
C TYR A 135 -15.76 25.69 -14.30
N ALA A 136 -15.28 26.83 -14.80
CA ALA A 136 -16.03 27.58 -15.81
C ALA A 136 -16.28 26.73 -17.05
N ALA A 137 -15.26 25.98 -17.47
CA ALA A 137 -15.40 25.19 -18.69
C ALA A 137 -16.48 24.13 -18.53
N PHE A 138 -16.54 23.53 -17.35
CA PHE A 138 -17.57 22.55 -17.07
C PHE A 138 -18.93 23.23 -16.97
N ALA A 139 -18.98 24.40 -16.33
CA ALA A 139 -20.23 25.15 -16.28
C ALA A 139 -20.78 25.46 -17.67
N GLU A 140 -19.88 25.73 -18.62
CA GLU A 140 -20.31 26.07 -19.97
C GLU A 140 -20.85 24.86 -20.75
N LYS A 141 -20.31 23.68 -20.49
CA LYS A 141 -20.77 22.50 -21.22
C LYS A 141 -22.01 21.90 -20.56
N THR A 142 -22.11 22.09 -19.24
CA THR A 142 -23.28 21.63 -18.48
C THR A 142 -24.48 22.55 -18.66
N PHE A 143 -24.36 23.80 -18.20
CA PHE A 143 -25.49 24.73 -18.22
C PHE A 143 -25.65 25.42 -19.57
N ASN A 144 -24.88 24.99 -20.55
CA ASN A 144 -25.05 25.45 -21.92
C ASN A 144 -24.96 26.98 -22.08
N VAL A 145 -24.07 27.59 -21.30
CA VAL A 145 -23.89 29.04 -21.32
C VAL A 145 -22.44 29.41 -21.56
N THR A 146 -22.20 30.37 -22.46
CA THR A 146 -20.90 30.99 -22.60
C THR A 146 -20.65 31.85 -21.36
N ILE A 147 -19.48 31.71 -20.75
CA ILE A 147 -19.15 32.50 -19.56
C ILE A 147 -18.01 33.46 -19.87
N PRO A 148 -18.13 34.73 -19.44
CA PRO A 148 -17.15 35.77 -19.73
C PRO A 148 -15.87 35.59 -18.92
N ALA A 149 -15.01 36.60 -18.95
CA ALA A 149 -13.73 36.52 -18.27
C ALA A 149 -13.94 36.42 -16.77
N ILE A 150 -13.25 35.46 -16.17
CA ILE A 150 -13.30 35.25 -14.72
C ILE A 150 -12.52 36.31 -13.98
N PRO A 151 -13.16 36.96 -13.01
CA PRO A 151 -12.49 38.04 -12.29
C PRO A 151 -11.44 37.49 -11.32
N TYR A 152 -10.29 37.11 -11.87
CA TYR A 152 -9.27 36.39 -11.13
C TYR A 152 -8.78 37.16 -9.92
N GLU A 153 -8.63 38.47 -10.08
CA GLU A 153 -8.08 39.30 -9.02
C GLU A 153 -8.99 39.29 -7.79
N GLN A 154 -10.30 39.36 -8.02
CA GLN A 154 -11.24 39.34 -6.91
C GLN A 154 -11.32 37.94 -6.27
N LEU A 155 -11.28 36.89 -7.08
CA LEU A 155 -11.35 35.54 -6.55
C LEU A 155 -10.12 35.19 -5.75
N GLU A 156 -8.94 35.63 -6.22
CA GLU A 156 -7.71 35.09 -5.65
C GLU A 156 -7.45 35.63 -4.25
N GLU A 157 -8.23 36.62 -3.83
CA GLU A 157 -8.08 37.15 -2.48
C GLU A 157 -9.25 36.78 -1.56
N LEU A 158 -10.04 35.80 -1.98
CA LEU A 158 -11.15 35.29 -1.18
C LEU A 158 -10.81 33.95 -0.56
N ASP A 159 -11.36 33.67 0.63
CA ASP A 159 -11.24 32.34 1.20
C ASP A 159 -12.21 31.43 0.43
N ASP A 160 -12.18 30.14 0.71
CA ASP A 160 -13.00 29.21 -0.05
C ASP A 160 -14.49 29.53 0.19
N GLU A 161 -14.82 29.88 1.40
CA GLU A 161 -16.16 30.27 1.74
C GLU A 161 -16.62 31.53 0.99
N GLY A 162 -15.74 32.50 0.85
CA GLY A 162 -16.01 33.68 0.06
C GLY A 162 -16.09 33.38 -1.43
N GLN A 163 -15.33 32.41 -1.91
CA GLN A 163 -15.41 32.02 -3.32
C GLN A 163 -16.79 31.44 -3.67
N VAL A 164 -17.39 30.64 -2.79
CA VAL A 164 -18.69 30.08 -3.12
C VAL A 164 -19.79 31.15 -3.02
N ARG A 165 -19.61 32.11 -2.11
CA ARG A 165 -20.55 33.23 -2.00
C ARG A 165 -20.53 34.00 -3.32
N PHE A 166 -19.33 34.20 -3.85
CA PHE A 166 -19.17 34.91 -5.12
C PHE A 166 -19.82 34.13 -6.25
N VAL A 167 -19.82 32.80 -6.15
CA VAL A 167 -20.42 31.95 -7.16
C VAL A 167 -21.94 31.94 -7.08
N LEU A 168 -22.48 31.99 -5.86
CA LEU A 168 -23.92 31.98 -5.68
C LEU A 168 -24.58 33.25 -6.26
N ASP A 169 -23.83 34.35 -6.22
CA ASP A 169 -24.27 35.63 -6.77
C ASP A 169 -24.54 35.58 -8.27
N ALA A 170 -23.57 35.06 -9.01
CA ALA A 170 -23.68 34.91 -10.46
C ALA A 170 -24.91 34.08 -10.80
N VAL A 171 -25.11 33.03 -10.00
CA VAL A 171 -26.24 32.13 -10.18
C VAL A 171 -27.57 32.89 -10.06
N SER A 172 -27.62 33.86 -9.15
CA SER A 172 -28.81 34.69 -8.99
C SER A 172 -29.03 35.57 -10.21
N ILE A 178 -32.23 28.78 -6.69
CA ILE A 178 -31.85 27.47 -6.16
C ILE A 178 -32.49 27.23 -4.80
N PRO A 179 -33.14 26.07 -4.63
CA PRO A 179 -33.72 25.76 -3.33
C PRO A 179 -32.64 25.76 -2.25
N ALA A 180 -32.97 26.23 -1.05
CA ALA A 180 -31.95 26.39 -0.01
C ALA A 180 -31.25 25.09 0.31
N GLY A 181 -32.00 23.98 0.25
CA GLY A 181 -31.43 22.67 0.56
C GLY A 181 -30.34 22.25 -0.40
N ILE A 182 -30.51 22.58 -1.68
CA ILE A 182 -29.52 22.26 -2.71
C ILE A 182 -28.32 23.19 -2.57
N ILE A 183 -28.55 24.43 -2.14
CA ILE A 183 -27.43 25.35 -1.94
C ILE A 183 -26.59 24.93 -0.76
N GLU A 184 -27.24 24.48 0.32
CA GLU A 184 -26.49 24.04 1.50
C GLU A 184 -25.69 22.78 1.23
N HIS A 185 -26.21 21.90 0.38
CA HIS A 185 -25.50 20.66 0.12
C HIS A 185 -24.27 20.90 -0.74
N GLN A 186 -24.40 21.75 -1.74
CA GLN A 186 -23.27 22.06 -2.63
C GLN A 186 -22.21 22.87 -1.90
N ARG A 187 -22.65 23.84 -1.10
CA ARG A 187 -21.73 24.67 -0.35
C ARG A 187 -20.90 23.83 0.60
N THR A 188 -21.55 23.03 1.44
CA THR A 188 -20.80 22.25 2.44
C THR A 188 -19.96 21.14 1.79
N SER A 189 -20.43 20.57 0.68
CA SER A 189 -19.65 19.55 -0.01
C SER A 189 -18.41 20.20 -0.62
N TYR A 190 -18.57 21.33 -1.28
CA TYR A 190 -17.44 22.06 -1.86
C TYR A 190 -16.44 22.40 -0.77
N LEU A 191 -16.93 22.96 0.33
CA LEU A 191 -16.05 23.39 1.41
C LEU A 191 -15.32 22.21 2.08
N ASP A 192 -16.03 21.12 2.29
CA ASP A 192 -15.40 19.92 2.86
C ASP A 192 -14.34 19.32 1.93
N ASN A 193 -14.61 19.26 0.63
CA ASN A 193 -13.60 18.79 -0.33
C ASN A 193 -12.37 19.69 -0.38
N ARG A 194 -12.57 21.01 -0.37
CA ARG A 194 -11.43 21.93 -0.35
C ARG A 194 -10.65 21.74 0.93
N ALA A 195 -11.34 21.40 2.02
CA ALA A 195 -10.69 21.14 3.30
C ALA A 195 -9.75 19.95 3.18
N ILE A 196 -10.14 18.95 2.40
CA ILE A 196 -9.26 17.83 2.10
C ILE A 196 -8.05 18.29 1.27
N ASP A 197 -8.31 19.10 0.26
CA ASP A 197 -7.26 19.60 -0.62
C ASP A 197 -6.20 20.40 0.14
N THR A 198 -6.62 21.24 1.07
CA THR A 198 -5.68 22.18 1.68
C THR A 198 -5.17 21.70 3.02
N ALA A 199 -5.54 20.49 3.43
CA ALA A 199 -5.10 19.96 4.71
C ALA A 199 -3.57 19.92 4.75
N GLN A 200 -3.01 20.45 5.82
CA GLN A 200 -1.57 20.43 6.06
C GLN A 200 -1.25 19.38 7.10
N ILE A 201 -0.74 18.24 6.67
CA ILE A 201 -0.63 17.10 7.57
C ILE A 201 0.58 17.25 8.49
N GLN A 202 0.38 17.03 9.79
CA GLN A 202 1.47 17.02 10.78
C GLN A 202 1.90 15.59 11.05
N PRO A 203 3.14 15.39 11.53
CA PRO A 203 3.55 14.01 11.80
C PRO A 203 2.90 13.41 13.05
N TYR A 204 2.68 12.10 13.03
CA TYR A 204 2.02 11.40 14.13
C TYR A 204 2.82 10.14 14.43
N ASP A 205 3.15 9.93 15.70
CA ASP A 205 4.00 8.82 16.09
C ASP A 205 3.26 7.60 16.63
N GLY A 206 1.95 7.55 16.46
CA GLY A 206 1.21 6.35 16.86
C GLY A 206 0.89 5.49 15.65
N HIS A 207 0.16 4.40 15.87
CA HIS A 207 -0.19 3.50 14.78
C HIS A 207 -1.36 4.03 13.98
N VAL A 208 -1.22 4.03 12.65
CA VAL A 208 -2.29 4.41 11.75
C VAL A 208 -2.57 3.27 10.79
N THR A 209 -3.84 2.94 10.65
CA THR A 209 -4.26 1.94 9.69
C THR A 209 -4.97 2.64 8.54
N LEU A 210 -4.47 2.45 7.32
CA LEU A 210 -5.09 3.02 6.13
C LEU A 210 -5.75 1.92 5.28
N TYR A 211 -7.07 1.95 5.19
CA TYR A 211 -7.76 1.00 4.31
C TYR A 211 -7.81 1.63 2.93
N MET A 212 -7.18 0.99 1.95
CA MET A 212 -7.02 1.66 0.68
C MET A 212 -7.74 0.98 -0.47
N ALA A 213 -8.64 1.75 -1.07
CA ALA A 213 -9.30 1.29 -2.28
C ALA A 213 -8.35 1.42 -3.47
N ASP A 214 -8.79 1.03 -4.66
CA ASP A 214 -7.93 1.12 -5.84
C ASP A 214 -7.88 2.50 -6.45
N ARG A 215 -8.99 3.24 -6.45
CA ARG A 215 -9.00 4.52 -7.16
C ARG A 215 -10.11 5.43 -6.67
N TYR A 216 -9.91 6.73 -6.87
CA TYR A 216 -10.97 7.70 -6.69
C TYR A 216 -11.94 7.61 -7.85
N HIS A 217 -13.18 8.01 -7.59
CA HIS A 217 -14.21 8.00 -8.61
C HIS A 217 -14.00 9.08 -9.67
N ASP A 218 -14.65 8.85 -10.81
CA ASP A 218 -14.41 9.66 -12.00
C ASP A 218 -14.79 11.13 -11.80
N ASP A 219 -15.90 11.39 -11.11
CA ASP A 219 -16.30 12.76 -10.81
C ASP A 219 -15.27 13.44 -9.90
N ALA A 220 -14.66 12.68 -9.00
CA ALA A 220 -13.63 13.24 -8.13
C ALA A 220 -12.41 13.64 -8.96
N ILE A 221 -12.02 12.78 -9.89
CA ILE A 221 -10.83 13.00 -10.70
C ILE A 221 -11.04 14.16 -11.69
N MET A 222 -12.26 14.31 -12.21
CA MET A 222 -12.55 15.45 -13.09
C MET A 222 -12.40 16.81 -12.39
N PHE A 223 -12.79 16.87 -11.11
CA PHE A 223 -12.60 18.09 -10.31
C PHE A 223 -11.13 18.47 -10.07
N GLU A 224 -10.30 17.47 -9.78
CA GLU A 224 -8.89 17.67 -9.49
C GLU A 224 -8.12 16.44 -9.96
N PRO A 225 -7.55 16.50 -11.17
CA PRO A 225 -6.92 15.33 -11.77
C PRO A 225 -5.72 14.80 -10.98
N ARG A 226 -5.19 15.55 -10.02
CA ARG A 226 -4.09 15.01 -9.24
C ARG A 226 -4.54 13.82 -8.38
N TYR A 227 -5.84 13.66 -8.20
CA TYR A 227 -6.33 12.51 -7.46
C TYR A 227 -6.43 11.27 -8.34
N ALA A 228 -6.04 11.38 -9.62
CA ALA A 228 -5.98 10.22 -10.53
C ALA A 228 -4.84 9.27 -10.19
N VAL A 229 -3.87 9.76 -9.42
CA VAL A 229 -2.69 8.96 -9.07
C VAL A 229 -2.68 8.75 -7.58
N ARG A 230 -2.37 7.53 -7.13
CA ARG A 230 -2.24 7.23 -5.69
C ARG A 230 -0.87 6.69 -5.41
N GLN A 231 -0.23 7.14 -4.34
CA GLN A 231 1.05 6.55 -3.97
C GLN A 231 0.77 5.31 -3.13
N PRO A 232 1.73 4.38 -3.04
CA PRO A 232 1.52 3.16 -2.24
C PRO A 232 1.09 3.44 -0.81
N ASP A 233 1.69 4.44 -0.16
CA ASP A 233 1.34 4.77 1.21
C ASP A 233 0.18 5.77 1.31
N GLY A 234 -0.46 6.07 0.18
CA GLY A 234 -1.58 6.99 0.16
C GLY A 234 -1.25 8.42 0.55
N GLY A 235 0.06 8.72 0.56
CA GLY A 235 0.59 10.02 0.92
C GLY A 235 0.87 10.19 2.41
N TRP A 236 0.74 9.11 3.18
CA TRP A 236 0.80 9.24 4.64
C TRP A 236 2.13 8.78 5.26
N GLY A 237 2.94 8.07 4.48
CA GLY A 237 4.16 7.48 5.00
C GLY A 237 5.21 8.48 5.45
N GLU A 238 5.27 9.65 4.82
CA GLU A 238 6.25 10.63 5.26
C GLU A 238 5.86 11.25 6.61
N TYR A 239 4.58 11.16 6.96
CA TYR A 239 4.11 11.75 8.21
C TYR A 239 3.92 10.73 9.31
N VAL A 240 3.73 9.48 8.91
CA VAL A 240 3.42 8.41 9.85
C VAL A 240 4.40 7.26 9.71
N SER A 241 5.25 7.10 10.71
CA SER A 241 6.25 6.05 10.70
C SER A 241 5.64 4.66 10.93
N ASP A 242 4.62 4.59 11.78
CA ASP A 242 3.99 3.32 12.10
C ASP A 242 2.71 3.12 11.28
N LEU A 243 2.87 2.92 9.98
CA LEU A 243 1.73 2.91 9.07
C LEU A 243 1.48 1.51 8.54
N GLU A 244 0.22 1.08 8.60
CA GLU A 244 -0.20 -0.21 8.08
C GLU A 244 -1.26 0.06 7.01
N VAL A 245 -1.11 -0.53 5.84
CA VAL A 245 -2.09 -0.35 4.78
C VAL A 245 -2.84 -1.65 4.53
N VAL A 246 -4.17 -1.55 4.47
CA VAL A 246 -5.02 -2.71 4.22
C VAL A 246 -5.73 -2.49 2.89
N PRO A 247 -5.24 -3.14 1.83
CA PRO A 247 -5.89 -3.00 0.52
C PRO A 247 -7.29 -3.58 0.54
N ILE A 248 -8.26 -2.84 0.00
CA ILE A 248 -9.67 -3.31 0.01
C ILE A 248 -10.27 -3.35 -1.41
N GLY A 249 -9.54 -2.80 -2.37
CA GLY A 249 -9.99 -2.76 -3.75
C GLY A 249 -11.13 -1.78 -4.00
N GLY A 250 -11.61 -1.78 -5.23
CA GLY A 250 -12.79 -1.01 -5.59
C GLY A 250 -12.53 0.48 -5.64
N GLU A 251 -13.61 1.26 -5.67
CA GLU A 251 -13.52 2.71 -5.74
C GLU A 251 -13.82 3.35 -4.39
N HIS A 252 -13.35 4.58 -4.21
CA HIS A 252 -13.50 5.36 -2.97
C HIS A 252 -14.93 5.38 -2.45
N ILE A 253 -15.90 5.65 -3.32
CA ILE A 253 -17.29 5.76 -2.92
C ILE A 253 -17.86 4.44 -2.38
N GLN A 254 -17.32 3.31 -2.84
CA GLN A 254 -17.82 2.00 -2.38
C GLN A 254 -17.15 1.51 -1.09
N ALA A 255 -16.09 2.18 -0.66
CA ALA A 255 -15.30 1.67 0.45
C ALA A 255 -16.11 1.66 1.77
N ILE A 256 -17.11 2.53 1.84
CA ILE A 256 -17.85 2.74 3.10
C ILE A 256 -19.05 1.79 3.20
N ASP A 257 -19.34 1.10 2.10
CA ASP A 257 -20.54 0.27 2.04
C ASP A 257 -20.29 -1.24 1.91
N GLU A 258 -21.33 -2.03 2.16
CA GLU A 258 -21.30 -3.45 1.84
C GLU A 258 -21.09 -3.54 0.32
N PRO A 259 -20.36 -4.56 -0.15
CA PRO A 259 -19.73 -5.64 0.62
C PRO A 259 -18.35 -5.29 1.17
N ILE A 260 -17.71 -4.27 0.63
CA ILE A 260 -16.31 -3.97 0.94
C ILE A 260 -16.11 -3.62 2.44
N ILE A 261 -17.12 -3.00 3.04
CA ILE A 261 -16.99 -2.60 4.44
C ILE A 261 -16.84 -3.84 5.35
N ALA A 262 -17.28 -5.01 4.88
CA ALA A 262 -17.14 -6.23 5.68
C ALA A 262 -15.66 -6.51 5.93
N LYS A 263 -14.83 -6.24 4.93
CA LYS A 263 -13.41 -6.46 5.05
C LYS A 263 -12.74 -5.43 5.98
N VAL A 264 -13.15 -4.17 5.88
CA VAL A 264 -12.69 -3.17 6.82
C VAL A 264 -13.08 -3.57 8.24
N GLY A 265 -14.34 -3.95 8.39
CA GLY A 265 -14.88 -4.32 9.69
C GLY A 265 -14.24 -5.55 10.32
N GLU A 266 -13.94 -6.56 9.52
CA GLU A 266 -13.27 -7.76 10.04
C GLU A 266 -11.89 -7.41 10.60
N HIS A 267 -11.18 -6.55 9.88
CA HIS A 267 -9.84 -6.20 10.29
C HIS A 267 -9.85 -5.32 11.53
N MET A 268 -10.75 -4.34 11.52
CA MET A 268 -10.91 -3.42 12.65
C MET A 268 -11.42 -4.10 13.92
N SER A 269 -12.34 -5.06 13.78
CA SER A 269 -12.79 -5.91 14.90
C SER A 269 -11.62 -6.61 15.61
N ARG A 270 -10.70 -7.16 14.84
CA ARG A 270 -9.51 -7.78 15.43
C ARG A 270 -8.67 -6.78 16.21
N ALA A 271 -8.49 -5.58 15.68
CA ALA A 271 -7.74 -4.54 16.39
C ALA A 271 -8.45 -4.15 17.69
N LEU A 272 -9.77 -4.07 17.64
CA LEU A 272 -10.54 -3.72 18.82
C LEU A 272 -10.43 -4.80 19.87
N GLY A 273 -10.52 -6.06 19.44
CA GLY A 273 -10.37 -7.19 20.36
C GLY A 273 -9.04 -7.15 21.09
N GLN A 274 -7.98 -6.76 20.39
CA GLN A 274 -6.66 -6.66 21.01
C GLN A 274 -6.61 -5.52 22.04
N ILE A 275 -7.25 -4.41 21.70
CA ILE A 275 -7.32 -3.29 22.61
C ILE A 275 -8.03 -3.70 23.88
N GLU A 276 -9.13 -4.43 23.72
CA GLU A 276 -9.92 -4.89 24.85
C GLU A 276 -9.11 -5.83 25.75
N ALA A 277 -8.38 -6.76 25.13
CA ALA A 277 -7.51 -7.68 25.86
C ALA A 277 -6.39 -6.96 26.63
N ASP A 278 -5.87 -5.88 26.04
CA ASP A 278 -4.76 -5.15 26.64
C ASP A 278 -5.21 -4.31 27.84
N ARG A 279 -6.51 -4.05 27.95
CA ARG A 279 -7.05 -3.38 29.13
C ARG A 279 -7.25 -4.45 30.20
N THR A 280 -7.87 -5.56 29.78
CA THR A 280 -8.11 -6.70 30.66
C THR A 280 -6.85 -7.54 30.89
N GLN B 4 28.29 -25.10 4.97
CA GLN B 4 27.79 -23.83 4.47
C GLN B 4 26.64 -23.99 3.48
N ILE B 5 26.92 -24.65 2.36
CA ILE B 5 25.92 -24.85 1.31
C ILE B 5 25.75 -26.32 0.94
N ASP B 6 24.53 -26.84 1.13
CA ASP B 6 24.21 -28.25 0.89
C ASP B 6 23.08 -28.38 -0.12
N GLY B 7 23.42 -28.82 -1.32
CA GLY B 7 22.47 -28.90 -2.41
C GLY B 7 22.16 -27.46 -2.79
N PHE B 8 20.90 -27.05 -2.63
CA PHE B 8 20.55 -25.63 -2.81
C PHE B 8 20.23 -24.92 -1.50
N VAL B 9 20.58 -25.53 -0.37
CA VAL B 9 20.27 -24.95 0.93
C VAL B 9 21.49 -24.37 1.63
N ARG B 10 21.42 -23.06 1.89
CA ARG B 10 22.48 -22.35 2.61
C ARG B 10 22.04 -22.15 4.05
N THR B 11 22.90 -22.50 4.98
CA THR B 11 22.58 -22.26 6.38
C THR B 11 23.10 -20.88 6.78
N LEU B 12 22.20 -19.95 7.07
CA LEU B 12 22.61 -18.62 7.51
C LEU B 12 22.77 -18.61 9.04
N ARG B 13 21.83 -19.26 9.72
CA ARG B 13 22.01 -19.62 11.12
C ARG B 13 21.34 -20.96 11.38
N ALA B 14 22.12 -21.93 11.84
CA ALA B 14 21.56 -23.24 12.08
C ALA B 14 20.69 -23.20 13.32
N ARG B 15 19.62 -23.98 13.31
CA ARG B 15 18.78 -24.12 14.49
C ARG B 15 19.53 -24.95 15.53
N PRO B 16 19.25 -24.71 16.83
CA PRO B 16 19.94 -25.46 17.89
C PRO B 16 19.62 -26.94 17.87
N GLU B 17 20.26 -27.71 18.76
CA GLU B 17 20.01 -29.15 18.85
C GLU B 17 18.52 -29.40 19.10
N ALA B 18 17.92 -28.55 19.94
CA ALA B 18 16.47 -28.56 20.14
C ALA B 18 15.97 -27.18 20.55
N GLY B 20 14.52 -24.18 20.42
CA GLY B 20 14.84 -22.93 19.75
C GLY B 20 13.65 -22.32 19.04
N LYS B 21 13.87 -21.22 18.35
CA LYS B 21 12.79 -20.53 17.68
C LYS B 21 12.45 -21.09 16.29
N VAL B 22 11.32 -20.66 15.75
CA VAL B 22 10.92 -21.04 14.40
C VAL B 22 11.90 -20.48 13.38
N PRO B 23 12.38 -21.32 12.46
CA PRO B 23 13.30 -20.88 11.42
C PRO B 23 12.63 -19.98 10.38
N VAL B 24 13.39 -19.01 9.88
CA VAL B 24 12.98 -18.20 8.76
C VAL B 24 13.61 -18.76 7.51
N PHE B 25 12.78 -19.12 6.54
CA PHE B 25 13.27 -19.59 5.26
C PHE B 25 13.25 -18.45 4.26
N VAL B 26 14.42 -18.11 3.73
CA VAL B 26 14.56 -17.04 2.74
C VAL B 26 14.97 -17.60 1.37
N PHE B 27 14.59 -16.88 0.33
CA PHE B 27 14.76 -17.33 -1.03
C PHE B 27 15.54 -16.29 -1.79
N HIS B 28 16.48 -16.76 -2.59
CA HIS B 28 17.45 -15.90 -3.24
C HIS B 28 16.78 -14.90 -4.17
N PRO B 29 17.42 -13.74 -4.36
CA PRO B 29 16.94 -12.76 -5.33
C PRO B 29 17.52 -13.02 -6.71
N ALA B 30 17.00 -12.34 -7.73
CA ALA B 30 17.55 -12.52 -9.07
C ALA B 30 18.95 -11.95 -9.11
N GLY B 31 19.92 -12.81 -9.42
CA GLY B 31 21.30 -12.38 -9.56
C GLY B 31 22.11 -12.37 -8.26
N GLY B 32 21.53 -12.91 -7.20
CA GLY B 32 22.21 -12.91 -5.91
C GLY B 32 22.04 -14.18 -5.11
N SER B 33 22.66 -14.23 -3.93
CA SER B 33 22.52 -15.38 -3.03
C SER B 33 21.78 -14.94 -1.78
N THR B 34 21.45 -15.91 -0.93
CA THR B 34 20.73 -15.58 0.30
C THR B 34 21.64 -14.96 1.36
N VAL B 35 22.93 -14.81 1.05
CA VAL B 35 23.82 -14.03 1.93
C VAL B 35 23.29 -12.57 1.99
N VAL B 36 22.51 -12.16 0.99
CA VAL B 36 21.92 -10.82 1.00
C VAL B 36 20.95 -10.59 2.18
N TYR B 37 20.47 -11.67 2.81
CA TYR B 37 19.59 -11.53 3.97
C TYR B 37 20.30 -11.42 5.32
N GLU B 38 21.63 -11.37 5.34
CA GLU B 38 22.33 -11.24 6.61
C GLU B 38 21.91 -9.95 7.38
N PRO B 39 21.86 -8.77 6.71
CA PRO B 39 21.38 -7.59 7.47
C PRO B 39 19.97 -7.73 8.04
N LEU B 40 19.03 -8.26 7.28
CA LEU B 40 17.72 -8.56 7.83
C LEU B 40 17.85 -9.44 9.06
N LEU B 41 18.68 -10.47 8.96
CA LEU B 41 18.86 -11.40 10.08
C LEU B 41 19.36 -10.72 11.35
N GLY B 42 20.25 -9.73 11.20
CA GLY B 42 20.70 -8.94 12.33
C GLY B 42 19.59 -8.10 12.97
N ARG B 43 18.46 -7.94 12.27
CA ARG B 43 17.32 -7.18 12.78
C ARG B 43 16.17 -8.08 13.22
N LEU B 44 16.40 -9.39 13.25
CA LEU B 44 15.37 -10.32 13.72
C LEU B 44 15.71 -10.72 15.15
N PRO B 45 14.75 -11.34 15.89
CA PRO B 45 15.06 -11.73 17.27
C PRO B 45 16.32 -12.58 17.35
N ALA B 46 17.08 -12.44 18.44
CA ALA B 46 18.31 -13.20 18.62
C ALA B 46 18.12 -14.70 18.47
N ASP B 47 19.09 -15.32 17.78
CA ASP B 47 19.13 -16.77 17.59
C ASP B 47 17.98 -17.30 16.72
N THR B 48 17.42 -16.42 15.89
CA THR B 48 16.46 -16.88 14.90
C THR B 48 17.17 -17.74 13.88
N PRO B 49 16.76 -19.01 13.71
CA PRO B 49 17.41 -19.79 12.66
C PRO B 49 17.03 -19.25 11.30
N MET B 50 17.93 -19.39 10.33
CA MET B 50 17.61 -18.94 8.98
C MET B 50 18.31 -19.80 7.96
N TYR B 51 17.53 -20.26 6.99
CA TYR B 51 18.04 -21.08 5.91
C TYR B 51 17.66 -20.43 4.60
N GLY B 52 18.57 -20.47 3.64
CA GLY B 52 18.32 -19.84 2.36
C GLY B 52 18.20 -20.86 1.26
N PHE B 53 17.24 -20.67 0.37
CA PHE B 53 17.12 -21.58 -0.76
C PHE B 53 17.76 -20.91 -1.98
N GLU B 54 18.81 -21.53 -2.54
CA GLU B 54 19.51 -20.92 -3.67
C GLU B 54 18.88 -21.38 -4.99
N ARG B 55 19.46 -20.89 -6.09
CA ARG B 55 18.89 -21.04 -7.43
C ARG B 55 18.73 -22.49 -7.88
N VAL B 56 17.58 -22.80 -8.47
CA VAL B 56 17.37 -24.08 -9.16
C VAL B 56 16.73 -23.79 -10.51
N GLU B 57 16.59 -24.79 -11.35
CA GLU B 57 16.13 -24.55 -12.71
C GLU B 57 14.60 -24.53 -12.80
N GLY B 58 14.07 -23.78 -13.76
CA GLY B 58 12.68 -23.91 -14.13
C GLY B 58 11.80 -22.69 -14.00
N SER B 59 10.53 -22.85 -14.36
CA SER B 59 9.52 -21.83 -14.09
C SER B 59 9.37 -21.66 -12.60
N ILE B 60 8.69 -20.61 -12.15
CA ILE B 60 8.49 -20.38 -10.72
C ILE B 60 7.87 -21.63 -10.12
N GLU B 61 6.88 -22.15 -10.81
CA GLU B 61 6.11 -23.31 -10.39
C GLU B 61 7.03 -24.53 -10.24
N GLU B 62 7.89 -24.75 -11.22
CA GLU B 62 8.84 -25.85 -11.20
C GLU B 62 9.91 -25.73 -10.11
N ARG B 63 10.30 -24.50 -9.79
CA ARG B 63 11.28 -24.28 -8.74
C ARG B 63 10.68 -24.62 -7.37
N ALA B 64 9.42 -24.23 -7.18
CA ALA B 64 8.71 -24.54 -5.94
C ALA B 64 8.54 -26.04 -5.76
N GLN B 65 8.44 -26.77 -6.87
CA GLN B 65 8.29 -28.21 -6.83
C GLN B 65 9.50 -28.89 -6.22
N GLN B 66 10.65 -28.23 -6.35
CA GLN B 66 11.91 -28.73 -5.78
C GLN B 66 12.08 -28.25 -4.35
N TYR B 67 11.70 -27.00 -4.11
CA TYR B 67 11.90 -26.41 -2.79
C TYR B 67 10.97 -27.03 -1.75
N VAL B 68 9.69 -27.20 -2.09
CA VAL B 68 8.69 -27.62 -1.11
C VAL B 68 8.98 -28.98 -0.41
N PRO B 69 9.43 -30.01 -1.16
CA PRO B 69 9.77 -31.26 -0.45
C PRO B 69 10.91 -31.10 0.53
N LYS B 70 11.84 -30.22 0.21
CA LYS B 70 12.97 -29.95 1.09
C LYS B 70 12.56 -29.14 2.34
N LEU B 71 11.65 -28.18 2.14
CA LEU B 71 11.11 -27.40 3.25
C LEU B 71 10.47 -28.31 4.30
N ILE B 72 9.68 -29.27 3.83
CA ILE B 72 8.99 -30.23 4.68
C ILE B 72 9.97 -31.15 5.39
N GLU B 73 11.05 -31.54 4.71
CA GLU B 73 12.06 -32.37 5.34
C GLU B 73 12.72 -31.62 6.48
N MET B 74 12.88 -30.31 6.34
CA MET B 74 13.55 -29.53 7.36
C MET B 74 12.62 -29.12 8.50
N GLN B 75 11.33 -28.90 8.22
CA GLN B 75 10.44 -28.28 9.21
C GLN B 75 9.19 -29.10 9.50
N GLY B 76 8.95 -30.13 8.70
CA GLY B 76 7.81 -31.00 8.94
C GLY B 76 6.49 -30.27 8.87
N ASP B 77 5.80 -30.27 10.00
CA ASP B 77 4.42 -29.79 10.11
C ASP B 77 4.27 -28.28 9.90
N GLY B 78 5.27 -27.56 10.38
CA GLY B 78 5.16 -26.13 10.52
C GLY B 78 5.64 -25.85 11.92
N PRO B 79 5.57 -24.57 12.34
CA PRO B 79 5.09 -23.48 11.49
C PRO B 79 6.10 -23.06 10.43
N TYR B 80 5.60 -22.62 9.28
CA TYR B 80 6.47 -22.12 8.22
C TYR B 80 6.42 -20.59 8.14
N VAL B 81 7.61 -20.01 8.04
CA VAL B 81 7.81 -18.59 7.86
C VAL B 81 8.65 -18.43 6.61
N LEU B 82 8.07 -17.83 5.56
CA LEU B 82 8.71 -17.76 4.24
C LEU B 82 8.91 -16.31 3.82
N VAL B 83 10.12 -15.95 3.43
CA VAL B 83 10.47 -14.56 3.22
C VAL B 83 11.34 -14.38 2.00
N GLY B 84 11.12 -13.32 1.23
CA GLY B 84 12.07 -13.05 0.16
C GLY B 84 11.92 -11.67 -0.41
N TRP B 85 13.03 -11.11 -0.84
CA TRP B 85 13.12 -9.86 -1.59
C TRP B 85 13.18 -10.18 -3.08
N SER B 86 12.54 -9.35 -3.91
CA SER B 86 12.63 -9.55 -5.37
C SER B 86 12.09 -10.93 -5.78
N LEU B 87 12.82 -11.66 -6.61
CA LEU B 87 12.37 -12.99 -7.02
C LEU B 87 12.11 -13.88 -5.82
N GLY B 88 12.88 -13.69 -4.75
CA GLY B 88 12.70 -14.44 -3.53
C GLY B 88 11.30 -14.36 -2.98
N GLY B 89 10.67 -13.18 -3.08
CA GLY B 89 9.32 -13.03 -2.60
C GLY B 89 8.36 -13.89 -3.41
N VAL B 90 8.55 -13.87 -4.71
CA VAL B 90 7.70 -14.69 -5.57
C VAL B 90 7.93 -16.17 -5.30
N LEU B 91 9.19 -16.55 -5.10
CA LEU B 91 9.53 -17.93 -4.75
C LEU B 91 8.92 -18.31 -3.39
N ALA B 92 9.04 -17.43 -2.40
CA ALA B 92 8.41 -17.67 -1.10
C ALA B 92 6.90 -17.90 -1.22
N TYR B 93 6.23 -17.07 -2.01
CA TYR B 93 4.79 -17.19 -2.23
C TYR B 93 4.41 -18.51 -2.91
N ALA B 94 5.14 -18.85 -3.96
CA ALA B 94 4.89 -20.12 -4.62
C ALA B 94 5.02 -21.28 -3.66
N CYS B 95 6.00 -21.23 -2.76
CA CYS B 95 6.19 -22.31 -1.80
C CYS B 95 5.07 -22.36 -0.76
N ALA B 96 4.57 -21.20 -0.37
CA ALA B 96 3.45 -21.14 0.57
C ALA B 96 2.23 -21.85 0.02
N ILE B 97 1.98 -21.63 -1.26
CA ILE B 97 0.87 -22.30 -1.93
C ILE B 97 1.04 -23.81 -1.95
N GLY B 98 2.26 -24.27 -2.21
CA GLY B 98 2.52 -25.69 -2.21
C GLY B 98 2.40 -26.31 -0.84
N LEU B 99 2.92 -25.60 0.15
CA LEU B 99 2.84 -26.09 1.53
C LEU B 99 1.41 -26.16 2.03
N ARG B 100 0.62 -25.14 1.69
CA ARG B 100 -0.77 -25.08 2.16
C ARG B 100 -1.59 -26.18 1.53
N ARG B 101 -1.33 -26.46 0.27
CA ARG B 101 -2.03 -27.54 -0.42
C ARG B 101 -1.73 -28.90 0.21
N LEU B 102 -0.50 -29.07 0.71
CA LEU B 102 -0.11 -30.30 1.39
C LEU B 102 -0.48 -30.33 2.87
N GLY B 103 -1.31 -29.38 3.29
CA GLY B 103 -1.87 -29.39 4.62
C GLY B 103 -0.96 -28.88 5.72
N LYS B 104 0.08 -28.15 5.33
CA LYS B 104 1.03 -27.62 6.30
C LYS B 104 0.60 -26.25 6.84
N ASP B 105 1.15 -25.91 7.99
CA ASP B 105 0.81 -24.68 8.71
C ASP B 105 1.74 -23.55 8.32
N VAL B 106 1.28 -22.67 7.44
CA VAL B 106 2.09 -21.53 7.01
C VAL B 106 1.64 -20.29 7.77
N ARG B 107 2.55 -19.69 8.54
CA ARG B 107 2.15 -18.64 9.48
C ARG B 107 2.56 -17.23 9.08
N PHE B 108 3.47 -17.11 8.12
CA PHE B 108 3.97 -15.81 7.69
C PHE B 108 4.61 -15.95 6.31
N VAL B 109 4.16 -15.11 5.40
CA VAL B 109 4.77 -14.98 4.08
C VAL B 109 5.15 -13.53 3.93
N GLY B 110 6.46 -13.26 3.87
CA GLY B 110 6.90 -11.88 3.84
C GLY B 110 7.52 -11.52 2.50
N LEU B 111 6.85 -10.65 1.74
CA LEU B 111 7.40 -10.23 0.47
C LEU B 111 8.10 -8.89 0.67
N ILE B 112 9.40 -8.83 0.41
CA ILE B 112 10.08 -7.56 0.58
C ILE B 112 10.15 -6.89 -0.77
N ASP B 113 9.26 -5.93 -0.98
CA ASP B 113 9.08 -5.18 -2.23
C ASP B 113 9.04 -6.03 -3.49
N ALA B 114 8.27 -7.11 -3.42
CA ALA B 114 8.12 -7.98 -4.58
C ALA B 114 6.86 -7.54 -5.31
N VAL B 115 6.96 -6.41 -5.99
CA VAL B 115 5.81 -5.70 -6.51
C VAL B 115 5.61 -6.01 -7.99
N ARG B 116 4.40 -6.44 -8.35
CA ARG B 116 4.05 -6.77 -9.72
C ARG B 116 4.05 -5.54 -10.60
N ALA B 117 4.26 -5.74 -11.90
CA ALA B 117 4.14 -4.64 -12.85
C ALA B 117 2.73 -4.06 -12.77
N GLY B 118 2.61 -2.74 -12.96
CA GLY B 118 1.36 -2.03 -12.76
C GLY B 118 0.35 -2.38 -13.83
N GLU B 119 0.87 -2.90 -14.94
CA GLU B 119 0.08 -3.37 -16.07
C GLU B 119 0.62 -4.73 -16.51
N GLU B 120 -0.26 -5.62 -17.00
CA GLU B 120 0.16 -6.95 -17.46
C GLU B 120 1.25 -6.90 -18.54
N ILE B 121 2.23 -7.79 -18.43
CA ILE B 121 3.30 -7.84 -19.41
C ILE B 121 2.93 -8.85 -20.50
N PRO B 122 2.71 -8.37 -21.73
CA PRO B 122 2.30 -9.26 -22.81
C PRO B 122 3.42 -10.24 -23.23
N GLN B 123 3.03 -11.44 -23.62
CA GLN B 123 3.97 -12.42 -24.14
C GLN B 123 3.76 -12.59 -25.63
N THR B 124 4.26 -11.64 -26.42
CA THR B 124 4.03 -11.63 -27.86
C THR B 124 5.34 -11.46 -28.62
N LYS B 125 5.30 -11.69 -29.93
CA LYS B 125 6.51 -11.54 -30.75
C LYS B 125 6.93 -10.08 -30.88
N GLU B 126 5.95 -9.18 -30.96
CA GLU B 126 6.23 -7.75 -31.03
C GLU B 126 6.98 -7.30 -29.78
N GLU B 127 6.59 -7.84 -28.63
CA GLU B 127 7.23 -7.49 -27.38
C GLU B 127 8.67 -8.00 -27.29
N ILE B 128 8.94 -9.18 -27.86
CA ILE B 128 10.30 -9.71 -27.89
C ILE B 128 11.20 -8.77 -28.65
N ARG B 129 10.71 -8.26 -29.79
CA ARG B 129 11.49 -7.31 -30.55
C ARG B 129 11.70 -6.03 -29.75
N LYS B 130 10.64 -5.53 -29.13
CA LYS B 130 10.72 -4.28 -28.38
C LYS B 130 11.62 -4.42 -27.16
N ARG B 131 11.51 -5.57 -26.52
CA ARG B 131 12.33 -5.90 -25.38
C ARG B 131 13.83 -5.85 -25.69
N TRP B 132 14.26 -6.51 -26.75
CA TRP B 132 15.69 -6.60 -27.02
C TRP B 132 16.22 -5.27 -27.50
N ASP B 133 15.34 -4.46 -28.11
CA ASP B 133 15.69 -3.10 -28.50
C ASP B 133 15.99 -2.20 -27.30
N ARG B 134 15.23 -2.39 -26.22
CA ARG B 134 15.49 -1.63 -25.00
C ARG B 134 16.85 -2.00 -24.42
N TYR B 135 17.12 -3.30 -24.36
CA TYR B 135 18.35 -3.80 -23.76
C TYR B 135 19.55 -3.28 -24.50
N ALA B 136 19.43 -3.27 -25.83
CA ALA B 136 20.51 -2.79 -26.69
C ALA B 136 20.84 -1.32 -26.38
N ALA B 137 19.80 -0.50 -26.28
CA ALA B 137 20.00 0.94 -26.05
C ALA B 137 20.63 1.20 -24.68
N PHE B 138 20.27 0.37 -23.69
CA PHE B 138 20.83 0.49 -22.35
C PHE B 138 22.31 0.12 -22.30
N ALA B 139 22.68 -0.99 -22.93
CA ALA B 139 24.08 -1.41 -23.00
C ALA B 139 24.91 -0.33 -23.70
N GLU B 140 24.30 0.33 -24.68
CA GLU B 140 24.96 1.37 -25.43
C GLU B 140 25.16 2.64 -24.59
N LYS B 141 24.22 2.89 -23.67
CA LYS B 141 24.30 4.05 -22.78
C LYS B 141 25.11 3.74 -21.51
N THR B 146 29.39 -1.00 -28.36
CA THR B 146 28.46 -0.95 -29.48
C THR B 146 27.90 -2.34 -29.72
N ILE B 147 26.58 -2.45 -29.88
CA ILE B 147 25.98 -3.77 -30.11
C ILE B 147 25.44 -3.85 -31.53
N PRO B 148 25.69 -4.97 -32.21
CA PRO B 148 25.32 -5.15 -33.63
C PRO B 148 23.83 -5.35 -33.84
N ALA B 149 23.44 -5.60 -35.09
CA ALA B 149 22.03 -5.67 -35.44
C ALA B 149 21.34 -6.85 -34.77
N ILE B 150 20.23 -6.56 -34.09
CA ILE B 150 19.43 -7.62 -33.49
C ILE B 150 18.56 -8.23 -34.58
N PRO B 151 18.78 -9.52 -34.84
CA PRO B 151 18.11 -10.37 -35.85
C PRO B 151 16.73 -10.87 -35.38
N TYR B 152 15.74 -10.00 -35.49
CA TYR B 152 14.41 -10.21 -34.89
C TYR B 152 13.65 -11.48 -35.32
N GLU B 153 13.74 -11.84 -36.61
CA GLU B 153 12.97 -12.97 -37.13
C GLU B 153 13.40 -14.27 -36.47
N GLN B 154 14.71 -14.39 -36.27
CA GLN B 154 15.29 -15.57 -35.65
C GLN B 154 14.94 -15.60 -34.16
N LEU B 155 14.92 -14.44 -33.51
CA LEU B 155 14.62 -14.32 -32.08
C LEU B 155 13.18 -14.63 -31.68
N GLU B 156 12.23 -14.19 -32.49
CA GLU B 156 10.85 -14.17 -32.04
C GLU B 156 10.17 -15.55 -31.92
N GLU B 157 10.82 -16.60 -32.41
CA GLU B 157 10.27 -17.94 -32.20
C GLU B 157 11.13 -18.79 -31.25
N LEU B 158 11.96 -18.12 -30.44
CA LEU B 158 12.74 -18.77 -29.39
C LEU B 158 12.13 -18.48 -28.01
N ASP B 159 12.27 -19.41 -27.07
CA ASP B 159 11.88 -19.14 -25.67
C ASP B 159 12.91 -18.18 -25.06
N ASP B 160 12.72 -17.76 -23.81
CA ASP B 160 13.64 -16.78 -23.21
C ASP B 160 15.07 -17.32 -23.14
N GLU B 161 15.22 -18.58 -22.77
CA GLU B 161 16.56 -19.19 -22.72
C GLU B 161 17.29 -19.06 -24.06
N GLY B 162 16.61 -19.45 -25.13
CA GLY B 162 17.18 -19.36 -26.45
C GLY B 162 17.43 -17.95 -26.92
N GLN B 163 16.59 -17.01 -26.51
CA GLN B 163 16.79 -15.63 -26.92
C GLN B 163 18.08 -15.05 -26.39
N VAL B 164 18.37 -15.26 -25.11
CA VAL B 164 19.53 -14.57 -24.55
C VAL B 164 20.82 -15.24 -25.06
N ARG B 165 20.78 -16.54 -25.24
CA ARG B 165 21.91 -17.25 -25.82
C ARG B 165 22.21 -16.77 -27.24
N PHE B 166 21.16 -16.61 -28.03
CA PHE B 166 21.33 -16.16 -29.42
C PHE B 166 21.87 -14.74 -29.47
N VAL B 167 21.46 -13.89 -28.52
CA VAL B 167 21.92 -12.51 -28.49
C VAL B 167 23.34 -12.43 -27.95
N LEU B 168 23.67 -13.26 -26.96
CA LEU B 168 25.04 -13.25 -26.45
C LEU B 168 26.01 -13.78 -27.51
N ASP B 169 25.56 -14.72 -28.33
CA ASP B 169 26.37 -15.22 -29.45
C ASP B 169 26.66 -14.11 -30.47
N ALA B 170 25.61 -13.40 -30.86
CA ALA B 170 25.74 -12.29 -31.80
C ALA B 170 26.68 -11.21 -31.28
N VAL B 171 26.58 -10.91 -29.99
CA VAL B 171 27.44 -9.90 -29.39
C VAL B 171 28.90 -10.30 -29.39
N SER B 172 29.19 -11.55 -29.03
CA SER B 172 30.57 -12.02 -29.01
C SER B 172 31.15 -12.11 -30.42
N GLN B 173 30.30 -12.48 -31.37
CA GLN B 173 30.67 -12.61 -32.77
C GLN B 173 31.16 -11.29 -33.38
N SER B 174 30.64 -10.16 -32.86
CA SER B 174 30.96 -8.84 -33.42
C SER B 174 32.24 -8.24 -32.87
N GLY B 175 32.91 -9.03 -32.05
CA GLY B 175 34.10 -8.60 -31.39
C GLY B 175 34.00 -7.99 -30.01
N VAL B 176 32.83 -7.99 -29.38
CA VAL B 176 32.81 -7.56 -27.98
C VAL B 176 33.31 -8.68 -27.03
N GLN B 177 34.33 -8.41 -26.24
CA GLN B 177 35.01 -9.46 -25.47
C GLN B 177 34.76 -9.35 -23.99
N ILE B 178 33.99 -10.27 -23.50
CA ILE B 178 33.52 -10.19 -22.12
C ILE B 178 33.72 -11.55 -21.47
N PRO B 179 34.34 -11.60 -20.27
CA PRO B 179 34.68 -12.86 -19.62
C PRO B 179 33.48 -13.76 -19.38
N ALA B 180 33.68 -15.06 -19.59
CA ALA B 180 32.59 -16.02 -19.54
C ALA B 180 31.89 -16.05 -18.19
N GLY B 181 32.67 -15.89 -17.12
CA GLY B 181 32.11 -15.92 -15.78
C GLY B 181 31.12 -14.80 -15.59
N ILE B 182 31.41 -13.64 -16.15
CA ILE B 182 30.49 -12.52 -16.03
C ILE B 182 29.27 -12.71 -16.93
N ILE B 183 29.49 -13.31 -18.10
CA ILE B 183 28.38 -13.51 -19.02
C ILE B 183 27.36 -14.48 -18.43
N GLU B 184 27.86 -15.53 -17.81
CA GLU B 184 26.95 -16.52 -17.22
C GLU B 184 26.16 -15.93 -16.08
N HIS B 185 26.77 -15.01 -15.34
CA HIS B 185 26.06 -14.38 -14.23
C HIS B 185 24.97 -13.45 -14.76
N GLN B 186 25.26 -12.75 -15.84
CA GLN B 186 24.26 -11.87 -16.46
C GLN B 186 23.15 -12.68 -17.09
N ARG B 187 23.52 -13.79 -17.71
CA ARG B 187 22.53 -14.65 -18.32
C ARG B 187 21.49 -15.16 -17.32
N THR B 188 21.94 -15.71 -16.18
CA THR B 188 21.00 -16.23 -15.19
C THR B 188 20.21 -15.10 -14.49
N SER B 189 20.83 -13.92 -14.36
CA SER B 189 20.16 -12.77 -13.77
C SER B 189 19.01 -12.32 -14.69
N TYR B 190 19.28 -12.24 -15.99
CA TYR B 190 18.26 -11.95 -16.97
C TYR B 190 17.10 -12.94 -16.90
N LEU B 191 17.41 -14.23 -16.92
CA LEU B 191 16.36 -15.25 -16.93
C LEU B 191 15.56 -15.27 -15.65
N ASP B 192 16.22 -15.05 -14.52
CA ASP B 192 15.50 -14.98 -13.24
C ASP B 192 14.55 -13.77 -13.22
N ASN B 193 14.98 -12.64 -13.76
CA ASN B 193 14.09 -11.49 -13.91
C ASN B 193 12.89 -11.77 -14.82
N ARG B 194 13.14 -12.44 -15.94
CA ARG B 194 12.04 -12.80 -16.84
C ARG B 194 11.07 -13.75 -16.16
N ALA B 195 11.56 -14.60 -15.27
CA ALA B 195 10.68 -15.51 -14.51
C ALA B 195 9.67 -14.74 -13.68
N ILE B 196 10.09 -13.59 -13.16
CA ILE B 196 9.17 -12.72 -12.45
C ILE B 196 8.12 -12.17 -13.42
N ASP B 197 8.58 -11.77 -14.61
CA ASP B 197 7.70 -11.19 -15.61
C ASP B 197 6.60 -12.14 -16.05
N THR B 198 6.95 -13.42 -16.24
CA THR B 198 6.02 -14.39 -16.81
C THR B 198 5.35 -15.27 -15.75
N ALA B 199 5.60 -14.98 -14.48
CA ALA B 199 5.05 -15.78 -13.39
C ALA B 199 3.52 -15.80 -13.45
N GLN B 200 2.93 -16.99 -13.34
CA GLN B 200 1.47 -17.05 -13.29
C GLN B 200 1.04 -17.24 -11.84
N ILE B 201 0.54 -16.17 -11.24
CA ILE B 201 0.28 -16.16 -9.81
C ILE B 201 -1.02 -16.90 -9.49
N GLN B 202 -0.96 -17.76 -8.48
CA GLN B 202 -2.12 -18.48 -8.00
C GLN B 202 -2.64 -17.83 -6.73
N PRO B 203 -3.91 -18.04 -6.42
CA PRO B 203 -4.46 -17.43 -5.19
C PRO B 203 -3.99 -18.14 -3.92
N TYR B 204 -3.85 -17.38 -2.83
CA TYR B 204 -3.37 -17.92 -1.56
C TYR B 204 -4.31 -17.46 -0.44
N ASP B 205 -4.73 -18.38 0.41
CA ASP B 205 -5.74 -18.00 1.39
C ASP B 205 -5.15 -17.65 2.76
N GLY B 206 -3.83 -17.55 2.85
CA GLY B 206 -3.22 -17.17 4.11
C GLY B 206 -2.83 -15.71 4.17
N HIS B 207 -2.19 -15.34 5.27
CA HIS B 207 -1.75 -13.96 5.49
C HIS B 207 -0.45 -13.68 4.76
N VAL B 208 -0.42 -12.57 4.03
CA VAL B 208 0.77 -12.11 3.34
C VAL B 208 1.10 -10.69 3.77
N THR B 209 2.36 -10.48 4.13
CA THR B 209 2.85 -9.13 4.46
C THR B 209 3.74 -8.68 3.32
N LEU B 210 3.37 -7.55 2.71
CA LEU B 210 4.14 -6.97 1.62
C LEU B 210 4.81 -5.70 2.09
N TYR B 211 6.15 -5.71 2.16
CA TYR B 211 6.85 -4.49 2.53
C TYR B 211 7.07 -3.70 1.25
N MET B 212 6.51 -2.50 1.17
CA MET B 212 6.48 -1.82 -0.10
C MET B 212 7.29 -0.54 -0.11
N ALA B 213 8.26 -0.50 -1.01
CA ALA B 213 9.06 0.70 -1.26
C ALA B 213 8.23 1.71 -2.06
N ASP B 214 8.83 2.86 -2.34
CA ASP B 214 8.13 3.91 -3.07
C ASP B 214 8.06 3.59 -4.55
N ARG B 215 9.16 3.04 -5.08
CA ARG B 215 9.29 2.81 -6.52
C ARG B 215 10.38 1.81 -6.86
N TYR B 216 10.31 1.25 -8.06
CA TYR B 216 11.46 0.53 -8.61
C TYR B 216 12.57 1.50 -8.98
N HIS B 217 13.82 1.03 -8.92
CA HIS B 217 14.98 1.86 -9.28
C HIS B 217 15.00 2.04 -10.79
N ASP B 218 15.71 3.06 -11.27
CA ASP B 218 15.63 3.46 -12.68
C ASP B 218 16.02 2.35 -13.66
N ASP B 219 17.05 1.57 -13.32
CA ASP B 219 17.51 0.49 -14.19
C ASP B 219 16.45 -0.57 -14.42
N ALA B 220 15.66 -0.86 -13.39
CA ALA B 220 14.59 -1.84 -13.49
C ALA B 220 13.56 -1.37 -14.50
N ILE B 221 13.21 -0.09 -14.39
CA ILE B 221 12.17 0.52 -15.22
C ILE B 221 12.60 0.70 -16.67
N MET B 222 13.87 1.05 -16.86
CA MET B 222 14.40 1.16 -18.21
C MET B 222 14.32 -0.21 -18.90
N PHE B 223 14.55 -1.25 -18.11
CA PHE B 223 14.42 -2.62 -18.62
C PHE B 223 12.97 -3.03 -18.93
N GLU B 224 12.05 -2.64 -18.06
CA GLU B 224 10.62 -2.95 -18.27
C GLU B 224 9.77 -1.84 -17.68
N PRO B 225 9.34 -0.92 -18.53
CA PRO B 225 8.65 0.32 -18.16
C PRO B 225 7.30 0.12 -17.46
N ARG B 226 6.69 -1.04 -17.60
CA ARG B 226 5.44 -1.31 -16.89
C ARG B 226 5.63 -1.38 -15.38
N TYR B 227 6.88 -1.46 -14.93
CA TYR B 227 7.17 -1.44 -13.50
C TYR B 227 7.25 0.00 -12.97
N ALA B 228 7.05 0.97 -13.86
CA ALA B 228 7.00 2.38 -13.47
C ALA B 228 5.73 2.68 -12.70
N VAL B 229 4.76 1.78 -12.80
CA VAL B 229 3.47 1.99 -12.14
C VAL B 229 3.29 0.92 -11.08
N ARG B 230 2.89 1.35 -9.89
CA ARG B 230 2.59 0.44 -8.80
C ARG B 230 1.17 0.63 -8.33
N GLN B 231 0.45 -0.47 -8.13
CA GLN B 231 -0.87 -0.40 -7.51
C GLN B 231 -0.72 -0.43 -6.00
N PRO B 232 -1.74 0.05 -5.26
CA PRO B 232 -1.68 0.03 -3.79
C PRO B 232 -1.40 -1.36 -3.25
N ASP B 233 -2.04 -2.35 -3.85
CA ASP B 233 -1.87 -3.71 -3.40
C ASP B 233 -0.65 -4.38 -4.03
N GLY B 234 0.13 -3.62 -4.80
CA GLY B 234 1.35 -4.16 -5.41
C GLY B 234 1.05 -5.27 -6.41
N GLY B 235 -0.21 -5.35 -6.83
CA GLY B 235 -0.66 -6.37 -7.76
C GLY B 235 -1.07 -7.67 -7.08
N TRP B 236 -1.05 -7.71 -5.75
CA TRP B 236 -1.27 -8.97 -5.03
C TRP B 236 -2.69 -9.13 -4.48
N GLY B 237 -3.46 -8.04 -4.48
CA GLY B 237 -4.79 -8.03 -3.88
C GLY B 237 -5.82 -8.92 -4.55
N GLU B 238 -5.69 -9.08 -5.86
CA GLU B 238 -6.57 -9.96 -6.62
C GLU B 238 -6.33 -11.44 -6.28
N TYR B 239 -5.12 -11.75 -5.80
CA TYR B 239 -4.75 -13.12 -5.43
C TYR B 239 -4.74 -13.40 -3.93
N VAL B 240 -4.57 -12.35 -3.12
CA VAL B 240 -4.46 -12.51 -1.68
C VAL B 240 -5.52 -11.65 -0.98
N SER B 241 -6.53 -12.30 -0.40
CA SER B 241 -7.59 -11.56 0.28
C SER B 241 -7.07 -11.01 1.62
N ASP B 242 -6.19 -11.78 2.26
CA ASP B 242 -5.63 -11.39 3.56
C ASP B 242 -4.25 -10.74 3.42
N LEU B 243 -4.24 -9.52 2.90
CA LEU B 243 -3.01 -8.83 2.54
C LEU B 243 -2.74 -7.63 3.45
N GLU B 244 -1.53 -7.54 3.98
CA GLU B 244 -1.14 -6.42 4.80
C GLU B 244 0.03 -5.79 4.08
N VAL B 245 -0.01 -4.48 3.90
CA VAL B 245 1.07 -3.78 3.23
C VAL B 245 1.76 -2.86 4.22
N VAL B 246 3.09 -2.93 4.31
CA VAL B 246 3.81 -2.04 5.22
C VAL B 246 4.70 -1.14 4.39
N PRO B 247 4.31 0.13 4.23
CA PRO B 247 5.16 1.01 3.42
C PRO B 247 6.51 1.21 4.07
N ILE B 248 7.58 1.14 3.29
CA ILE B 248 8.91 1.30 3.86
C ILE B 248 9.68 2.43 3.19
N GLY B 249 9.10 3.02 2.15
CA GLY B 249 9.75 4.11 1.43
C GLY B 249 10.91 3.63 0.58
N GLY B 250 11.61 4.59 -0.03
CA GLY B 250 12.82 4.30 -0.77
C GLY B 250 12.58 3.58 -2.09
N GLU B 251 13.65 3.03 -2.64
CA GLU B 251 13.60 2.32 -3.90
C GLU B 251 13.77 0.81 -3.67
N HIS B 252 13.33 0.02 -4.64
CA HIS B 252 13.40 -1.45 -4.57
C HIS B 252 14.76 -1.97 -4.15
N ILE B 253 15.81 -1.47 -4.80
CA ILE B 253 17.16 -1.94 -4.55
C ILE B 253 17.62 -1.66 -3.10
N GLN B 254 17.07 -0.62 -2.47
CA GLN B 254 17.48 -0.24 -1.11
C GLN B 254 16.72 -1.01 0.01
N ALA B 255 15.65 -1.71 -0.37
CA ALA B 255 14.75 -2.28 0.63
C ALA B 255 15.41 -3.34 1.47
N ILE B 256 16.46 -3.97 0.93
CA ILE B 256 17.13 -5.11 1.54
C ILE B 256 18.30 -4.68 2.44
N ASP B 257 18.67 -3.42 2.36
CA ASP B 257 19.85 -2.93 3.11
C ASP B 257 19.47 -1.89 4.18
N GLU B 258 20.41 -1.63 5.10
CA GLU B 258 20.26 -0.54 6.07
C GLU B 258 20.15 0.79 5.34
N PRO B 259 19.36 1.73 5.88
CA PRO B 259 18.58 1.66 7.12
C PRO B 259 17.20 1.06 6.94
N ILE B 260 16.73 0.95 5.71
CA ILE B 260 15.36 0.54 5.45
C ILE B 260 15.06 -0.87 5.97
N ILE B 261 16.04 -1.77 5.90
CA ILE B 261 15.81 -3.15 6.38
C ILE B 261 15.48 -3.16 7.90
N ALA B 262 15.90 -2.13 8.62
CA ALA B 262 15.56 -2.03 10.05
C ALA B 262 14.07 -1.93 10.26
N LYS B 263 13.41 -1.20 9.36
CA LYS B 263 11.97 -1.02 9.45
C LYS B 263 11.24 -2.33 9.16
N VAL B 264 11.75 -3.04 8.15
CA VAL B 264 11.26 -4.38 7.84
C VAL B 264 11.47 -5.35 9.02
N GLY B 265 12.68 -5.33 9.57
CA GLY B 265 13.04 -6.21 10.69
C GLY B 265 12.26 -5.94 11.96
N GLU B 266 11.98 -4.67 12.24
CA GLU B 266 11.18 -4.29 13.40
C GLU B 266 9.76 -4.85 13.29
N HIS B 267 9.19 -4.76 12.11
CA HIS B 267 7.81 -5.23 11.91
C HIS B 267 7.75 -6.75 11.92
N MET B 268 8.67 -7.37 11.20
CA MET B 268 8.76 -8.81 11.11
C MET B 268 9.11 -9.48 12.44
N SER B 269 9.95 -8.82 13.22
CA SER B 269 10.25 -9.28 14.58
C SER B 269 9.00 -9.45 15.44
N ARG B 270 8.07 -8.50 15.34
CA ARG B 270 6.80 -8.60 16.07
C ARG B 270 5.95 -9.78 15.62
N ALA B 271 5.87 -10.00 14.32
CA ALA B 271 5.12 -11.13 13.78
C ALA B 271 5.74 -12.45 14.22
N LEU B 272 7.06 -12.52 14.23
CA LEU B 272 7.73 -13.74 14.70
C LEU B 272 7.49 -13.88 16.19
N GLY B 273 7.52 -12.75 16.90
CA GLY B 273 7.22 -12.77 18.31
C GLY B 273 5.82 -13.31 18.62
N GLN B 274 4.84 -12.91 17.81
CA GLN B 274 3.48 -13.39 18.02
C GLN B 274 3.39 -14.88 17.71
N ILE B 275 4.09 -15.32 16.67
CA ILE B 275 4.12 -16.72 16.31
C ILE B 275 4.73 -17.56 17.44
N GLU B 276 5.81 -17.06 18.03
CA GLU B 276 6.47 -17.82 19.10
C GLU B 276 5.56 -18.03 20.29
N ALA B 277 4.87 -16.97 20.72
CA ALA B 277 3.97 -17.08 21.87
C ALA B 277 2.83 -18.06 21.62
N ASP B 278 2.37 -18.12 20.38
CA ASP B 278 1.25 -18.97 20.01
C ASP B 278 1.61 -20.45 19.98
N ARG B 279 2.91 -20.77 19.96
CA ARG B 279 3.36 -22.16 20.04
C ARG B 279 3.40 -22.67 21.49
#